data_4AOX
#
_entry.id   4AOX
#
_cell.length_a   79.760
_cell.length_b   79.760
_cell.length_c   222.980
_cell.angle_alpha   90.00
_cell.angle_beta   90.00
_cell.angle_gamma   90.00
#
_symmetry.space_group_name_H-M   'P 41 21 2'
#
loop_
_entity.id
_entity.type
_entity.pdbx_description
1 polymer 'STEROID MONOOXYGENASE'
2 non-polymer 'FLAVIN-ADENINE DINUCLEOTIDE'
3 non-polymer 'SULFATE ION'
4 water water
#
_entity_poly.entity_id   1
_entity_poly.type   'polypeptide(L)'
_entity_poly.pdbx_seq_one_letter_code
;MNGQHPRSVVTAPDATTGTTSYDVVVVGAGIAGLYAIHRFRSQGLTVRAFEAASGVGGVWYWNRYPGARCDVESIDYSYS
FSPELEQEWNWSEKYATQPEILAYLEHVADRFDLRRDIRFDTRVTSAVLDEEGLRWTVRTDRGDEVSARFLVVAAGPLSN
ANTPAFDGLDRFTGDIVHTARWPHDGVDFTGKRVGVIGTGSSGIQSIPIIAEQAEQLFVFQRSANYSIPAGNVPLDDATR
AEQKANYAERRRLSRESGGGSPHRPHPKSALEVSEEERRAVYEERWKLGGVLFSKAFPDQLTDPAANDTARAFWEEKIRA
VVDDPAVAELLTPKDHAIGAKRIVTDSGYYETYNRDNVELVDLRSTPIVGMDETGIVTTGAHYDLDMIVLATGFDAMTGS
LDKLEIVGRGGRTLKETWAAGPRTYLGLGIDGFPNFFNLTGPGSPSVLANMVLHSELHVDWVADAIAYLDARGAAGIEGT
PEAVADWVEECRNRAEASLLNSANSWYLGANIPGRPRVFMPFLGGFGVYREIITEVAESGYKGFAILEG
;
_entity_poly.pdbx_strand_id   A
#
# COMPACT_ATOMS: atom_id res chain seq x y z
N THR A 19 0.17 -30.23 -17.31
CA THR A 19 0.86 -29.06 -16.65
C THR A 19 0.11 -28.56 -15.39
N THR A 20 -0.31 -29.50 -14.55
CA THR A 20 -1.07 -29.17 -13.34
C THR A 20 -0.20 -28.61 -12.23
N SER A 21 1.05 -29.07 -12.11
CA SER A 21 1.81 -28.75 -10.91
C SER A 21 3.01 -27.85 -11.08
N TYR A 22 3.23 -27.01 -10.08
CA TYR A 22 4.34 -26.07 -10.06
C TYR A 22 4.88 -26.03 -8.65
N ASP A 23 6.11 -25.54 -8.50
CA ASP A 23 6.70 -25.49 -7.17
C ASP A 23 6.03 -24.42 -6.37
N VAL A 24 5.76 -23.31 -7.02
CA VAL A 24 5.15 -22.17 -6.38
C VAL A 24 4.05 -21.65 -7.28
N VAL A 25 2.90 -21.39 -6.68
CA VAL A 25 1.91 -20.57 -7.32
C VAL A 25 1.96 -19.25 -6.59
N VAL A 26 2.13 -18.20 -7.37
CA VAL A 26 2.15 -16.86 -6.86
C VAL A 26 0.81 -16.23 -7.22
N VAL A 27 0.21 -15.53 -6.26
CA VAL A 27 -1.00 -14.81 -6.54
C VAL A 27 -0.67 -13.33 -6.66
N GLY A 28 -0.78 -12.78 -7.86
CA GLY A 28 -0.55 -11.36 -8.05
C GLY A 28 0.72 -11.11 -8.81
N ALA A 29 0.65 -10.13 -9.72
CA ALA A 29 1.75 -9.77 -10.55
C ALA A 29 2.08 -8.29 -10.38
N GLY A 30 2.04 -7.85 -9.12
CA GLY A 30 2.51 -6.52 -8.80
C GLY A 30 3.96 -6.61 -8.41
N ILE A 31 4.45 -5.60 -7.71
CA ILE A 31 5.81 -5.54 -7.25
C ILE A 31 6.27 -6.85 -6.62
N ALA A 32 5.48 -7.39 -5.69
CA ALA A 32 5.88 -8.58 -4.94
C ALA A 32 5.85 -9.79 -5.88
N GLY A 33 4.74 -9.95 -6.59
CA GLY A 33 4.55 -11.10 -7.43
C GLY A 33 5.59 -11.20 -8.51
N LEU A 34 5.94 -10.05 -9.08
CA LEU A 34 6.90 -10.01 -10.15
C LEU A 34 8.26 -10.47 -9.65
N TYR A 35 8.67 -9.96 -8.50
CA TYR A 35 9.89 -10.38 -7.91
C TYR A 35 9.84 -11.85 -7.48
N ALA A 36 8.69 -12.29 -6.98
CA ALA A 36 8.52 -13.67 -6.58
C ALA A 36 8.85 -14.58 -7.75
N ILE A 37 8.28 -14.28 -8.91
CA ILE A 37 8.51 -15.10 -10.08
C ILE A 37 10.00 -15.16 -10.34
N HIS A 38 10.62 -13.99 -10.41
CA HIS A 38 12.03 -13.92 -10.76
C HIS A 38 12.88 -14.65 -9.75
N ARG A 39 12.66 -14.35 -8.47
CA ARG A 39 13.46 -14.94 -7.41
C ARG A 39 13.28 -16.45 -7.31
N PHE A 40 12.03 -16.90 -7.40
CA PHE A 40 11.76 -18.31 -7.31
C PHE A 40 12.33 -19.08 -8.50
N ARG A 41 12.23 -18.51 -9.70
CA ARG A 41 12.74 -19.20 -10.87
C ARG A 41 14.25 -19.25 -10.88
N SER A 42 14.89 -18.19 -10.40
CA SER A 42 16.36 -18.12 -10.32
C SER A 42 16.89 -19.28 -9.49
N GLN A 43 16.03 -19.81 -8.62
CA GLN A 43 16.37 -20.92 -7.76
C GLN A 43 16.09 -22.25 -8.44
N GLY A 44 15.43 -22.21 -9.59
CA GLY A 44 15.02 -23.43 -10.27
C GLY A 44 13.63 -23.90 -9.91
N LEU A 45 12.86 -23.05 -9.25
CA LEU A 45 11.47 -23.38 -8.90
C LEU A 45 10.56 -23.04 -10.07
N THR A 46 9.65 -23.94 -10.40
CA THR A 46 8.66 -23.60 -11.41
C THR A 46 7.61 -22.76 -10.71
N VAL A 47 7.16 -21.72 -11.39
CA VAL A 47 6.26 -20.78 -10.81
C VAL A 47 5.09 -20.60 -11.75
N ARG A 48 3.88 -20.60 -11.19
CA ARG A 48 2.73 -20.12 -11.92
C ARG A 48 2.14 -18.97 -11.12
N ALA A 49 2.12 -17.80 -11.74
CA ALA A 49 1.55 -16.63 -11.14
C ALA A 49 0.17 -16.43 -11.74
N PHE A 50 -0.78 -16.03 -10.91
CA PHE A 50 -2.07 -15.61 -11.40
C PHE A 50 -2.30 -14.15 -11.11
N GLU A 51 -2.73 -13.43 -12.13
CA GLU A 51 -3.02 -12.02 -11.98
C GLU A 51 -4.44 -11.75 -12.43
N ALA A 52 -5.22 -11.13 -11.54
CA ALA A 52 -6.60 -10.77 -11.84
C ALA A 52 -6.64 -9.72 -12.95
N ALA A 53 -5.64 -8.85 -12.97
CA ALA A 53 -5.56 -7.76 -13.95
C ALA A 53 -5.11 -8.29 -15.32
N SER A 54 -5.22 -7.43 -16.33
CA SER A 54 -4.89 -7.79 -17.70
C SER A 54 -3.40 -7.70 -17.90
N GLY A 55 -2.73 -6.96 -17.03
CA GLY A 55 -1.30 -6.78 -17.10
C GLY A 55 -0.67 -6.77 -15.72
N VAL A 56 0.67 -6.76 -15.72
CA VAL A 56 1.44 -6.68 -14.50
C VAL A 56 1.33 -5.30 -13.88
N GLY A 57 1.73 -5.18 -12.63
CA GLY A 57 1.84 -3.86 -12.04
C GLY A 57 1.12 -3.76 -10.72
N GLY A 58 0.12 -4.61 -10.54
CA GLY A 58 -0.67 -4.59 -9.32
C GLY A 58 -1.34 -3.25 -9.14
N VAL A 59 -1.13 -2.67 -7.98
CA VAL A 59 -1.72 -1.40 -7.65
C VAL A 59 -1.41 -0.37 -8.75
N TRP A 60 -0.20 -0.45 -9.31
CA TRP A 60 0.25 0.45 -10.38
C TRP A 60 -0.34 0.16 -11.72
N TYR A 61 -0.94 -1.02 -11.85
CA TYR A 61 -1.69 -1.32 -13.02
C TYR A 61 -3.13 -0.79 -12.87
N TRP A 62 -3.79 -1.16 -11.76
CA TRP A 62 -5.19 -0.85 -11.67
CA TRP A 62 -5.20 -0.89 -11.52
C TRP A 62 -5.51 0.55 -11.26
N ASN A 63 -4.66 1.15 -10.44
CA ASN A 63 -4.95 2.44 -9.84
C ASN A 63 -4.25 3.52 -10.62
N ARG A 64 -4.91 3.97 -11.68
CA ARG A 64 -4.27 4.80 -12.67
C ARG A 64 -5.03 6.13 -12.88
N TYR A 65 -5.74 6.56 -11.85
CA TYR A 65 -6.41 7.86 -11.80
C TYR A 65 -5.37 8.95 -11.85
N PRO A 66 -5.78 10.17 -12.27
CA PRO A 66 -4.79 11.24 -12.46
C PRO A 66 -4.08 11.59 -11.16
N GLY A 67 -2.76 11.70 -11.23
CA GLY A 67 -1.98 12.19 -10.13
C GLY A 67 -1.59 11.08 -9.22
N ALA A 68 -1.95 9.85 -9.59
CA ALA A 68 -1.55 8.68 -8.82
C ALA A 68 -0.04 8.66 -8.83
N ARG A 69 0.52 8.68 -7.63
CA ARG A 69 1.94 8.88 -7.44
C ARG A 69 2.33 8.15 -6.16
N CYS A 70 3.57 7.71 -6.11
CA CYS A 70 4.14 7.02 -4.96
CA CYS A 70 4.06 7.01 -4.93
C CYS A 70 4.45 7.98 -3.82
N ASP A 71 4.37 7.46 -2.59
CA ASP A 71 4.66 8.15 -1.33
C ASP A 71 6.15 8.17 -1.03
N VAL A 72 6.86 7.25 -1.66
CA VAL A 72 8.24 6.98 -1.34
C VAL A 72 9.07 7.29 -2.57
N GLU A 73 10.15 8.04 -2.37
CA GLU A 73 11.11 8.36 -3.44
C GLU A 73 11.34 7.16 -4.33
N SER A 74 11.23 7.39 -5.63
CA SER A 74 11.31 6.36 -6.65
C SER A 74 12.58 5.55 -6.56
N ILE A 75 13.64 6.22 -6.12
CA ILE A 75 14.94 5.59 -5.90
C ILE A 75 14.90 4.50 -4.82
N ASP A 76 14.14 4.73 -3.75
CA ASP A 76 13.94 3.71 -2.72
C ASP A 76 12.85 2.74 -3.12
N TYR A 77 11.76 3.31 -3.62
CA TYR A 77 10.61 2.52 -4.07
C TYR A 77 10.89 1.95 -5.45
N SER A 78 11.78 0.97 -5.47
CA SER A 78 12.21 0.34 -6.68
C SER A 78 13.05 -0.84 -6.27
N TYR A 79 13.14 -1.80 -7.17
CA TYR A 79 13.82 -3.04 -6.91
C TYR A 79 15.30 -2.83 -6.72
N SER A 80 15.87 -3.60 -5.80
CA SER A 80 17.29 -3.54 -5.54
C SER A 80 17.96 -4.84 -5.93
N PHE A 81 17.13 -5.83 -6.28
CA PHE A 81 17.63 -7.18 -6.52
C PHE A 81 18.51 -7.27 -7.77
N SER A 82 18.39 -6.29 -8.64
CA SER A 82 19.10 -6.29 -9.89
C SER A 82 19.97 -5.05 -10.03
N PRO A 83 21.27 -5.22 -9.79
CA PRO A 83 22.22 -4.12 -9.93
C PRO A 83 22.00 -3.36 -11.23
N GLU A 84 21.90 -4.10 -12.33
CA GLU A 84 21.72 -3.55 -13.66
C GLU A 84 20.47 -2.67 -13.71
N LEU A 85 19.30 -3.27 -13.56
CA LEU A 85 18.06 -2.53 -13.46
C LEU A 85 18.21 -1.22 -12.67
N GLU A 86 18.81 -1.30 -11.49
CA GLU A 86 19.06 -0.11 -10.69
C GLU A 86 19.88 0.92 -11.46
N GLN A 87 20.97 0.47 -12.06
CA GLN A 87 21.88 1.38 -12.78
C GLN A 87 21.27 1.94 -14.06
N GLU A 88 20.46 1.11 -14.73
CA GLU A 88 19.90 1.45 -16.02
C GLU A 88 18.65 2.30 -15.96
N TRP A 89 17.77 2.01 -15.00
CA TRP A 89 16.50 2.71 -14.96
C TRP A 89 16.65 4.13 -14.48
N ASN A 90 16.09 5.04 -15.25
CA ASN A 90 16.12 6.42 -14.88
C ASN A 90 14.76 6.86 -14.46
N TRP A 91 14.63 7.16 -13.17
CA TRP A 91 13.40 7.72 -12.64
C TRP A 91 13.31 9.16 -13.00
N SER A 92 12.21 9.55 -13.63
CA SER A 92 12.08 10.91 -14.13
C SER A 92 11.93 11.93 -13.01
N GLU A 93 11.44 11.50 -11.84
CA GLU A 93 11.21 12.42 -10.74
C GLU A 93 11.40 11.79 -9.37
N LYS A 94 11.35 12.62 -8.33
CA LYS A 94 11.57 12.19 -6.95
C LYS A 94 10.54 11.13 -6.57
N TYR A 95 9.28 11.43 -6.86
CA TYR A 95 8.17 10.54 -6.57
C TYR A 95 7.51 10.15 -7.87
N ALA A 96 7.75 8.93 -8.32
CA ALA A 96 7.24 8.48 -9.60
C ALA A 96 5.73 8.43 -9.63
N THR A 97 5.15 8.94 -10.71
CA THR A 97 3.71 8.83 -10.94
C THR A 97 3.44 7.37 -11.28
N GLN A 98 2.16 6.98 -11.23
CA GLN A 98 1.75 5.63 -11.56
C GLN A 98 2.17 5.10 -12.96
N PRO A 99 1.98 5.90 -14.05
CA PRO A 99 2.38 5.36 -15.35
C PRO A 99 3.87 5.05 -15.42
N GLU A 100 4.67 5.82 -14.69
CA GLU A 100 6.10 5.61 -14.66
C GLU A 100 6.44 4.33 -13.90
N ILE A 101 5.82 4.17 -12.74
CA ILE A 101 6.02 2.96 -11.94
C ILE A 101 5.50 1.76 -12.74
N LEU A 102 4.41 1.96 -13.46
CA LEU A 102 3.85 0.89 -14.26
C LEU A 102 4.86 0.50 -15.33
N ALA A 103 5.31 1.50 -16.10
CA ALA A 103 6.31 1.30 -17.14
C ALA A 103 7.54 0.58 -16.55
N TYR A 104 7.89 0.94 -15.33
CA TYR A 104 9.04 0.34 -14.67
C TYR A 104 8.79 -1.13 -14.43
N LEU A 105 7.63 -1.46 -13.88
CA LEU A 105 7.30 -2.86 -13.58
C LEU A 105 7.08 -3.66 -14.86
N GLU A 106 6.50 -3.03 -15.87
CA GLU A 106 6.43 -3.62 -17.20
C GLU A 106 7.82 -3.90 -17.76
N HIS A 107 8.74 -2.97 -17.53
CA HIS A 107 10.10 -3.17 -17.98
C HIS A 107 10.70 -4.33 -17.24
N VAL A 108 10.51 -4.36 -15.93
CA VAL A 108 10.98 -5.49 -15.11
C VAL A 108 10.47 -6.83 -15.66
N ALA A 109 9.19 -6.89 -15.99
CA ALA A 109 8.63 -8.10 -16.54
C ALA A 109 9.24 -8.42 -17.91
N ASP A 110 9.45 -7.40 -18.75
CA ASP A 110 10.12 -7.58 -20.05
C ASP A 110 11.52 -8.15 -19.83
N ARG A 111 12.24 -7.50 -18.94
CA ARG A 111 13.66 -7.73 -18.76
C ARG A 111 13.88 -9.11 -18.16
N PHE A 112 13.00 -9.49 -17.25
CA PHE A 112 13.17 -10.78 -16.59
C PHE A 112 12.25 -11.85 -17.12
N ASP A 113 11.62 -11.58 -18.26
CA ASP A 113 10.72 -12.54 -18.92
C ASP A 113 9.73 -13.16 -17.95
N LEU A 114 8.97 -12.31 -17.26
CA LEU A 114 8.08 -12.75 -16.19
C LEU A 114 6.71 -13.14 -16.66
N ARG A 115 6.25 -12.55 -17.75
CA ARG A 115 4.84 -12.64 -18.13
C ARG A 115 4.43 -14.05 -18.55
N ARG A 116 5.36 -14.79 -19.15
CA ARG A 116 5.07 -16.16 -19.59
C ARG A 116 4.55 -17.06 -18.46
N ASP A 117 4.97 -16.80 -17.23
CA ASP A 117 4.57 -17.61 -16.10
C ASP A 117 3.38 -17.04 -15.39
N ILE A 118 2.87 -15.93 -15.93
CA ILE A 118 1.71 -15.30 -15.38
C ILE A 118 0.52 -15.57 -16.27
N ARG A 119 -0.57 -15.97 -15.64
CA ARG A 119 -1.85 -16.00 -16.30
C ARG A 119 -2.61 -14.80 -15.77
N PHE A 120 -2.90 -13.87 -16.69
CA PHE A 120 -3.61 -12.63 -16.40
C PHE A 120 -5.11 -12.81 -16.52
N ASP A 121 -5.90 -11.82 -16.10
CA ASP A 121 -7.39 -11.88 -16.17
C ASP A 121 -7.91 -13.11 -15.46
N THR A 122 -7.12 -13.59 -14.53
CA THR A 122 -7.33 -14.86 -13.88
C THR A 122 -7.25 -14.59 -12.39
N ARG A 123 -8.40 -14.71 -11.75
CA ARG A 123 -8.51 -14.48 -10.32
CA ARG A 123 -8.53 -14.48 -10.32
C ARG A 123 -8.46 -15.82 -9.63
N VAL A 124 -7.56 -15.94 -8.66
CA VAL A 124 -7.50 -17.15 -7.84
C VAL A 124 -8.70 -17.09 -6.92
N THR A 125 -9.49 -18.16 -6.94
CA THR A 125 -10.71 -18.19 -6.16
C THR A 125 -10.50 -19.00 -4.89
N SER A 126 -9.90 -20.17 -5.02
CA SER A 126 -9.63 -20.95 -3.83
C SER A 126 -8.25 -21.58 -3.86
N ALA A 127 -7.78 -21.92 -2.68
CA ALA A 127 -6.49 -22.55 -2.51
C ALA A 127 -6.78 -23.57 -1.42
N VAL A 128 -6.66 -24.84 -1.80
CA VAL A 128 -6.97 -25.92 -0.86
C VAL A 128 -5.74 -26.78 -0.59
N LEU A 129 -5.44 -26.92 0.70
CA LEU A 129 -4.34 -27.72 1.17
C LEU A 129 -4.67 -29.19 1.11
N ASP A 130 -3.78 -29.91 0.46
CA ASP A 130 -3.77 -31.35 0.57
C ASP A 130 -2.73 -31.64 1.64
N GLU A 131 -3.20 -32.06 2.81
CA GLU A 131 -2.34 -32.19 4.00
C GLU A 131 -1.45 -33.41 3.91
N GLU A 132 -1.96 -34.43 3.24
CA GLU A 132 -1.24 -35.66 2.97
C GLU A 132 0.00 -35.34 2.12
N GLY A 133 -0.16 -34.52 1.09
CA GLY A 133 0.95 -34.20 0.19
C GLY A 133 1.63 -32.85 0.39
N LEU A 134 1.13 -32.05 1.33
CA LEU A 134 1.61 -30.68 1.57
C LEU A 134 1.73 -29.84 0.29
N ARG A 135 0.66 -29.91 -0.49
CA ARG A 135 0.51 -29.15 -1.72
C ARG A 135 -0.80 -28.37 -1.67
N TRP A 136 -0.79 -27.23 -2.34
CA TRP A 136 -1.97 -26.40 -2.44
C TRP A 136 -2.55 -26.61 -3.79
N THR A 137 -3.82 -27.01 -3.83
CA THR A 137 -4.55 -26.96 -5.08
C THR A 137 -5.15 -25.58 -5.24
N VAL A 138 -4.68 -24.87 -6.26
CA VAL A 138 -5.09 -23.49 -6.51
C VAL A 138 -6.07 -23.48 -7.64
N ARG A 139 -7.28 -23.00 -7.37
CA ARG A 139 -8.28 -22.87 -8.39
C ARG A 139 -8.50 -21.41 -8.76
N THR A 140 -9.13 -21.21 -9.91
CA THR A 140 -9.18 -19.93 -10.56
C THR A 140 -10.56 -19.75 -11.17
N ASP A 141 -10.97 -18.51 -11.42
CA ASP A 141 -12.23 -18.26 -12.13
C ASP A 141 -12.17 -18.58 -13.62
N ARG A 142 -11.00 -18.88 -14.14
CA ARG A 142 -10.84 -19.31 -15.53
C ARG A 142 -10.74 -20.82 -15.64
N GLY A 143 -11.06 -21.52 -14.56
CA GLY A 143 -11.00 -22.99 -14.53
C GLY A 143 -9.59 -23.56 -14.50
N ASP A 144 -8.62 -22.79 -14.03
CA ASP A 144 -7.31 -23.33 -13.72
C ASP A 144 -7.41 -24.16 -12.46
N GLU A 145 -6.67 -25.25 -12.42
CA GLU A 145 -6.55 -26.06 -11.25
C GLU A 145 -5.10 -26.48 -11.24
N VAL A 146 -4.34 -25.86 -10.35
CA VAL A 146 -2.93 -26.17 -10.33
C VAL A 146 -2.52 -26.62 -8.94
N SER A 147 -1.52 -27.48 -8.90
CA SER A 147 -0.98 -27.91 -7.63
C SER A 147 0.36 -27.24 -7.38
N ALA A 148 0.45 -26.57 -6.24
CA ALA A 148 1.64 -25.87 -5.84
C ALA A 148 2.23 -26.56 -4.64
N ARG A 149 3.54 -26.71 -4.61
CA ARG A 149 4.18 -27.07 -3.35
C ARG A 149 4.01 -25.91 -2.39
N PHE A 150 4.16 -24.70 -2.91
CA PHE A 150 4.05 -23.48 -2.11
C PHE A 150 3.07 -22.50 -2.71
N LEU A 151 2.24 -21.92 -1.87
CA LEU A 151 1.34 -20.89 -2.31
C LEU A 151 1.84 -19.59 -1.75
N VAL A 152 2.15 -18.68 -2.64
CA VAL A 152 2.66 -17.39 -2.24
C VAL A 152 1.65 -16.35 -2.67
N VAL A 153 1.01 -15.76 -1.69
CA VAL A 153 0.02 -14.74 -1.98
C VAL A 153 0.74 -13.41 -1.93
N ALA A 154 0.81 -12.76 -3.09
CA ALA A 154 1.38 -11.42 -3.23
C ALA A 154 0.23 -10.49 -3.59
N ALA A 155 -0.89 -10.66 -2.91
CA ALA A 155 -2.13 -10.03 -3.32
C ALA A 155 -2.10 -8.53 -3.07
N GLY A 156 -1.04 -8.07 -2.41
CA GLY A 156 -0.93 -6.65 -2.06
C GLY A 156 -1.74 -6.32 -0.83
N PRO A 157 -1.35 -5.25 -0.12
CA PRO A 157 -2.02 -4.84 1.11
C PRO A 157 -3.15 -3.87 0.81
N LEU A 158 -3.15 -3.36 -0.41
CA LEU A 158 -4.09 -2.36 -0.83
C LEU A 158 -4.99 -2.86 -1.93
N SER A 159 -6.24 -3.06 -1.57
CA SER A 159 -7.27 -3.42 -2.51
C SER A 159 -8.36 -2.36 -2.42
N ASN A 160 -9.21 -2.34 -3.44
CA ASN A 160 -10.33 -1.43 -3.49
C ASN A 160 -11.34 -1.52 -2.38
N ALA A 161 -11.62 -0.37 -1.78
CA ALA A 161 -12.77 -0.25 -0.89
C ALA A 161 -14.02 -0.39 -1.76
N ASN A 162 -15.13 -0.82 -1.13
CA ASN A 162 -16.40 -0.94 -1.82
C ASN A 162 -16.73 0.34 -2.60
N THR A 163 -17.25 0.18 -3.81
CA THR A 163 -17.78 1.33 -4.56
C THR A 163 -18.91 1.90 -3.70
N PRO A 164 -18.78 3.19 -3.30
CA PRO A 164 -19.83 3.76 -2.45
C PRO A 164 -21.17 3.73 -3.17
N ALA A 165 -22.19 3.16 -2.52
CA ALA A 165 -23.49 2.99 -3.11
C ALA A 165 -24.37 4.19 -2.82
N PHE A 166 -24.72 4.94 -3.86
CA PHE A 166 -25.57 6.10 -3.71
C PHE A 166 -26.90 5.84 -4.38
N ASP A 167 -27.98 6.18 -3.70
CA ASP A 167 -29.30 6.03 -4.28
C ASP A 167 -29.40 6.89 -5.53
N GLY A 168 -29.97 6.29 -6.58
CA GLY A 168 -30.14 6.98 -7.86
C GLY A 168 -28.87 7.30 -8.62
N LEU A 169 -27.78 6.63 -8.30
CA LEU A 169 -26.54 6.79 -9.06
C LEU A 169 -26.76 6.26 -10.47
N ASP A 170 -27.59 5.22 -10.57
CA ASP A 170 -27.98 4.60 -11.84
C ASP A 170 -28.88 5.50 -12.69
N ARG A 171 -29.27 6.64 -12.13
CA ARG A 171 -30.15 7.58 -12.84
C ARG A 171 -29.36 8.74 -13.43
N PHE A 172 -28.20 9.03 -12.84
CA PHE A 172 -27.32 10.09 -13.30
C PHE A 172 -26.92 9.91 -14.77
N THR A 173 -27.22 10.93 -15.58
CA THR A 173 -27.01 10.86 -17.02
C THR A 173 -25.57 11.18 -17.39
N GLY A 174 -24.93 12.01 -16.57
CA GLY A 174 -23.53 12.38 -16.78
C GLY A 174 -22.58 11.22 -16.56
N ASP A 175 -21.29 11.51 -16.59
CA ASP A 175 -20.28 10.46 -16.53
C ASP A 175 -19.93 10.15 -15.10
N ILE A 176 -19.82 8.85 -14.81
CA ILE A 176 -19.39 8.39 -13.50
C ILE A 176 -18.07 7.70 -13.71
N VAL A 177 -17.02 8.25 -13.10
CA VAL A 177 -15.71 7.62 -13.19
C VAL A 177 -15.15 7.32 -11.81
N HIS A 178 -14.60 6.12 -11.68
CA HIS A 178 -14.03 5.67 -10.43
C HIS A 178 -12.55 5.74 -10.56
N THR A 179 -11.90 6.30 -9.54
CA THR A 179 -10.45 6.38 -9.48
C THR A 179 -9.81 5.00 -9.52
N ALA A 180 -10.54 4.01 -8.99
CA ALA A 180 -10.14 2.62 -9.01
C ALA A 180 -10.14 1.99 -10.39
N ARG A 181 -10.97 2.51 -11.28
CA ARG A 181 -11.08 1.94 -12.62
C ARG A 181 -10.99 3.09 -13.59
N TRP A 182 -9.88 3.81 -13.49
CA TRP A 182 -9.71 4.99 -14.31
C TRP A 182 -9.55 4.55 -15.73
N PRO A 183 -10.28 5.19 -16.66
CA PRO A 183 -10.15 4.83 -18.07
C PRO A 183 -8.69 4.95 -18.52
N HIS A 184 -8.23 3.96 -19.26
CA HIS A 184 -6.85 3.93 -19.68
C HIS A 184 -6.52 5.12 -20.55
N ASP A 185 -7.52 5.57 -21.32
CA ASP A 185 -7.34 6.74 -22.21
C ASP A 185 -7.62 8.08 -21.56
N GLY A 186 -7.88 8.06 -20.25
CA GLY A 186 -8.14 9.27 -19.50
C GLY A 186 -9.50 9.88 -19.74
N VAL A 187 -9.83 10.88 -18.94
CA VAL A 187 -11.11 11.55 -19.05
C VAL A 187 -10.84 13.03 -19.13
N ASP A 188 -11.40 13.65 -20.16
CA ASP A 188 -11.32 15.08 -20.33
C ASP A 188 -12.28 15.72 -19.33
N PHE A 189 -11.79 16.59 -18.46
CA PHE A 189 -12.71 17.34 -17.57
C PHE A 189 -13.05 18.72 -18.10
N THR A 190 -12.51 19.07 -19.27
CA THR A 190 -12.73 20.40 -19.84
C THR A 190 -14.21 20.64 -20.07
N GLY A 191 -14.67 21.81 -19.68
CA GLY A 191 -16.08 22.20 -19.84
C GLY A 191 -17.00 21.53 -18.84
N LYS A 192 -16.44 20.60 -18.06
CA LYS A 192 -17.24 19.73 -17.24
C LYS A 192 -17.39 20.27 -15.81
N ARG A 193 -18.60 20.17 -15.31
CA ARG A 193 -18.83 20.36 -13.88
C ARG A 193 -18.61 19.01 -13.23
N VAL A 194 -17.58 18.93 -12.41
CA VAL A 194 -17.15 17.66 -11.87
C VAL A 194 -17.34 17.63 -10.35
N GLY A 195 -17.99 16.57 -9.90
CA GLY A 195 -18.12 16.30 -8.48
C GLY A 195 -17.19 15.15 -8.14
N VAL A 196 -16.33 15.39 -7.15
CA VAL A 196 -15.44 14.37 -6.64
C VAL A 196 -15.90 13.99 -5.27
N ILE A 197 -16.31 12.74 -5.14
CA ILE A 197 -16.66 12.13 -3.85
C ILE A 197 -15.51 11.25 -3.40
N GLY A 198 -15.02 11.49 -2.18
CA GLY A 198 -13.87 10.78 -1.63
C GLY A 198 -12.68 11.70 -1.55
N THR A 199 -12.12 11.84 -0.34
CA THR A 199 -10.95 12.69 -0.15
C THR A 199 -9.77 11.92 0.44
N GLY A 200 -9.74 10.62 0.20
CA GLY A 200 -8.54 9.83 0.47
C GLY A 200 -7.46 10.23 -0.53
N SER A 201 -6.42 9.42 -0.64
CA SER A 201 -5.30 9.74 -1.53
C SER A 201 -5.74 9.84 -2.98
N SER A 202 -6.63 8.95 -3.42
CA SER A 202 -7.05 8.96 -4.81
C SER A 202 -7.72 10.28 -5.14
N GLY A 203 -8.53 10.78 -4.20
CA GLY A 203 -9.13 12.10 -4.33
C GLY A 203 -8.09 13.19 -4.24
N ILE A 204 -7.29 13.16 -3.18
CA ILE A 204 -6.29 14.18 -2.95
C ILE A 204 -5.32 14.33 -4.14
N GLN A 205 -5.07 13.24 -4.85
CA GLN A 205 -4.15 13.27 -5.96
C GLN A 205 -4.81 13.62 -7.28
N SER A 206 -6.07 13.25 -7.44
CA SER A 206 -6.76 13.53 -8.68
C SER A 206 -7.34 14.94 -8.68
N ILE A 207 -7.81 15.39 -7.52
CA ILE A 207 -8.49 16.68 -7.39
C ILE A 207 -7.76 17.85 -8.09
N PRO A 208 -6.46 18.05 -7.81
CA PRO A 208 -5.73 19.19 -8.39
C PRO A 208 -5.71 19.13 -9.92
N ILE A 209 -5.61 17.92 -10.44
CA ILE A 209 -5.58 17.70 -11.86
C ILE A 209 -6.97 17.91 -12.44
N ILE A 210 -7.99 17.39 -11.75
CA ILE A 210 -9.35 17.60 -12.19
C ILE A 210 -9.67 19.12 -12.22
N ALA A 211 -9.30 19.83 -11.15
CA ALA A 211 -9.57 21.27 -11.05
C ALA A 211 -8.83 22.06 -12.14
N GLU A 212 -7.64 21.58 -12.52
CA GLU A 212 -6.84 22.25 -13.53
C GLU A 212 -7.58 22.36 -14.87
N GLN A 213 -8.47 21.42 -15.16
CA GLN A 213 -9.17 21.48 -16.44
C GLN A 213 -10.67 21.52 -16.35
N ALA A 214 -11.23 21.22 -15.17
CA ALA A 214 -12.68 21.23 -15.01
C ALA A 214 -13.22 22.64 -15.10
N GLU A 215 -14.46 22.75 -15.59
CA GLU A 215 -15.14 24.02 -15.60
C GLU A 215 -15.36 24.39 -14.15
N GLN A 216 -15.74 23.37 -13.38
CA GLN A 216 -16.03 23.53 -11.97
C GLN A 216 -15.82 22.20 -11.25
N LEU A 217 -15.12 22.26 -10.11
CA LEU A 217 -14.92 21.11 -9.26
C LEU A 217 -15.68 21.26 -7.96
N PHE A 218 -16.53 20.31 -7.67
CA PHE A 218 -17.12 20.20 -6.36
C PHE A 218 -16.50 19.00 -5.66
N VAL A 219 -15.82 19.26 -4.54
CA VAL A 219 -15.27 18.19 -3.74
C VAL A 219 -16.22 17.95 -2.59
N PHE A 220 -16.84 16.79 -2.59
CA PHE A 220 -17.71 16.39 -1.51
C PHE A 220 -16.90 15.63 -0.49
N GLN A 221 -16.58 16.31 0.62
CA GLN A 221 -15.72 15.76 1.65
C GLN A 221 -16.53 15.37 2.88
N ARG A 222 -16.42 14.11 3.26
CA ARG A 222 -17.00 13.64 4.51
C ARG A 222 -16.00 13.86 5.64
N SER A 223 -14.86 13.20 5.55
CA SER A 223 -13.80 13.37 6.52
C SER A 223 -12.55 13.87 5.85
N ALA A 224 -12.02 14.99 6.35
CA ALA A 224 -10.77 15.53 5.85
C ALA A 224 -9.59 14.67 6.28
N ASN A 225 -8.61 14.53 5.40
CA ASN A 225 -7.39 13.78 5.71
C ASN A 225 -6.16 14.65 5.67
N TYR A 226 -5.12 14.16 6.34
CA TYR A 226 -3.83 14.80 6.31
C TYR A 226 -3.11 14.45 5.03
N SER A 227 -2.72 15.49 4.33
CA SER A 227 -1.85 15.34 3.20
C SER A 227 -0.81 16.40 3.31
N ILE A 228 0.41 16.05 2.91
CA ILE A 228 1.46 17.04 2.87
C ILE A 228 2.05 17.11 1.47
N PRO A 229 2.64 18.26 1.10
CA PRO A 229 3.25 18.46 -0.21
C PRO A 229 4.20 17.35 -0.56
N ALA A 230 4.11 16.87 -1.79
CA ALA A 230 5.01 15.84 -2.30
C ALA A 230 6.41 16.40 -2.36
N GLY A 231 6.54 17.66 -2.76
CA GLY A 231 7.84 18.27 -3.00
C GLY A 231 8.54 17.41 -4.04
N ASN A 232 7.75 16.95 -5.01
CA ASN A 232 8.24 16.15 -6.09
C ASN A 232 9.03 17.04 -7.04
N VAL A 233 10.30 16.70 -7.20
CA VAL A 233 11.23 17.46 -8.01
C VAL A 233 11.59 16.55 -9.18
N PRO A 234 11.75 17.13 -10.38
CA PRO A 234 12.30 16.35 -11.49
C PRO A 234 13.73 15.95 -11.15
N LEU A 235 14.13 14.75 -11.59
CA LEU A 235 15.48 14.26 -11.34
C LEU A 235 16.36 14.52 -12.54
N ASP A 236 17.30 15.46 -12.41
CA ASP A 236 18.29 15.69 -13.47
C ASP A 236 19.33 14.56 -13.48
N ASP A 237 20.26 14.61 -14.44
CA ASP A 237 21.28 13.58 -14.59
C ASP A 237 22.31 13.63 -13.44
N ALA A 238 22.76 14.84 -13.11
CA ALA A 238 23.81 15.07 -12.11
C ALA A 238 23.50 14.38 -10.77
N THR A 239 22.31 14.62 -10.25
CA THR A 239 21.89 14.05 -8.97
C THR A 239 21.49 12.59 -9.10
N ARG A 240 21.09 12.20 -10.31
CA ARG A 240 20.74 10.81 -10.59
C ARG A 240 21.97 9.90 -10.62
N ALA A 241 23.05 10.36 -11.25
CA ALA A 241 24.30 9.60 -11.28
C ALA A 241 24.90 9.48 -9.88
N GLU A 242 24.67 10.51 -9.07
CA GLU A 242 25.17 10.58 -7.70
C GLU A 242 24.54 9.49 -6.84
N GLN A 243 23.21 9.42 -6.86
CA GLN A 243 22.50 8.42 -6.06
CA GLN A 243 22.48 8.42 -6.07
C GLN A 243 22.67 7.00 -6.61
N LYS A 244 22.78 6.88 -7.94
CA LYS A 244 23.08 5.59 -8.57
C LYS A 244 24.43 5.07 -8.13
N ALA A 245 25.40 5.97 -7.99
CA ALA A 245 26.74 5.59 -7.55
C ALA A 245 26.76 5.22 -6.06
N ASN A 246 25.83 5.80 -5.30
CA ASN A 246 25.74 5.56 -3.86
C ASN A 246 24.57 4.64 -3.50
N TYR A 247 24.15 3.82 -4.47
CA TYR A 247 22.93 3.04 -4.34
C TYR A 247 23.01 1.97 -3.24
N ALA A 248 24.12 1.22 -3.24
CA ALA A 248 24.29 0.12 -2.29
C ALA A 248 24.18 0.63 -0.87
N GLU A 249 24.82 1.76 -0.59
CA GLU A 249 24.76 2.38 0.73
C GLU A 249 23.34 2.83 1.07
N ARG A 250 22.64 3.37 0.09
CA ARG A 250 21.27 3.83 0.32
C ARG A 250 20.33 2.65 0.58
N ARG A 251 20.59 1.54 -0.11
CA ARG A 251 19.88 0.28 0.11
C ARG A 251 20.17 -0.26 1.51
N ARG A 252 21.45 -0.29 1.88
CA ARG A 252 21.88 -0.71 3.21
C ARG A 252 21.13 0.07 4.28
N LEU A 253 21.15 1.40 4.17
CA LEU A 253 20.45 2.25 5.11
C LEU A 253 18.96 1.92 5.12
N SER A 254 18.42 1.70 3.93
CA SER A 254 16.99 1.46 3.79
C SER A 254 16.56 0.13 4.44
N ARG A 255 17.32 -0.92 4.16
CA ARG A 255 17.05 -2.24 4.73
C ARG A 255 17.17 -2.29 6.23
N GLU A 256 18.04 -1.47 6.80
CA GLU A 256 18.26 -1.42 8.25
C GLU A 256 17.30 -0.43 8.88
N SER A 257 16.70 0.41 8.04
CA SER A 257 15.82 1.49 8.47
C SER A 257 14.45 1.06 9.01
N GLY A 258 13.79 2.01 9.67
CA GLY A 258 12.46 1.83 10.22
C GLY A 258 11.35 1.62 9.19
N GLY A 259 11.39 2.38 8.10
CA GLY A 259 10.33 2.34 7.08
C GLY A 259 10.76 1.95 5.68
N GLY A 260 12.01 1.52 5.54
CA GLY A 260 12.53 1.06 4.26
C GLY A 260 13.08 2.17 3.39
N SER A 261 13.30 3.33 4.00
CA SER A 261 13.89 4.46 3.31
C SER A 261 15.04 4.92 4.19
N PRO A 262 16.08 5.54 3.60
CA PRO A 262 17.26 5.91 4.37
C PRO A 262 17.02 7.14 5.27
N HIS A 263 15.94 7.11 6.04
CA HIS A 263 15.61 8.24 6.91
C HIS A 263 15.45 7.83 8.34
N ARG A 264 16.20 8.50 9.20
CA ARG A 264 16.07 8.35 10.63
C ARG A 264 15.35 9.57 11.21
N PRO A 265 14.28 9.34 12.00
CA PRO A 265 13.69 10.39 12.82
C PRO A 265 14.75 11.11 13.65
N HIS A 266 14.43 12.34 14.06
CA HIS A 266 15.28 13.15 14.92
C HIS A 266 15.66 12.43 16.21
N PRO A 267 16.89 12.65 16.72
CA PRO A 267 17.31 12.05 17.99
C PRO A 267 16.36 12.33 19.17
N LYS A 268 16.29 13.58 19.62
CA LYS A 268 15.43 13.96 20.74
C LYS A 268 13.96 13.95 20.33
N SER A 269 13.07 13.76 21.31
CA SER A 269 11.63 13.69 21.06
C SER A 269 11.03 15.06 20.72
N ALA A 270 9.79 15.06 20.23
CA ALA A 270 9.09 16.27 19.82
C ALA A 270 8.99 17.33 20.93
N LEU A 271 8.69 16.86 22.14
CA LEU A 271 8.51 17.75 23.28
C LEU A 271 9.85 18.17 23.88
N GLU A 272 10.85 17.31 23.80
CA GLU A 272 12.16 17.55 24.42
C GLU A 272 12.99 18.60 23.67
N VAL A 273 12.67 18.81 22.40
CA VAL A 273 13.37 19.78 21.55
C VAL A 273 12.71 21.15 21.64
N SER A 274 13.52 22.21 21.47
CA SER A 274 13.07 23.59 21.59
C SER A 274 11.94 23.93 20.62
N GLU A 275 11.13 24.92 20.99
CA GLU A 275 10.03 25.41 20.14
C GLU A 275 10.54 25.87 18.78
N GLU A 276 11.73 26.49 18.78
CA GLU A 276 12.38 26.97 17.56
C GLU A 276 12.85 25.81 16.68
N GLU A 277 13.61 24.89 17.27
CA GLU A 277 14.15 23.74 16.55
C GLU A 277 13.08 22.74 16.10
N ARG A 278 11.86 22.91 16.61
CA ARG A 278 10.72 22.07 16.25
C ARG A 278 10.14 22.47 14.89
N ARG A 279 10.02 23.78 14.65
CA ARG A 279 9.60 24.31 13.35
C ARG A 279 10.65 24.01 12.27
N ALA A 280 11.92 24.10 12.65
CA ALA A 280 13.03 23.94 11.71
C ALA A 280 13.15 22.52 11.16
N VAL A 281 12.79 21.53 11.97
CA VAL A 281 12.81 20.14 11.53
C VAL A 281 11.48 19.76 10.86
N TYR A 282 10.36 20.23 11.42
CA TYR A 282 9.06 20.03 10.79
C TYR A 282 9.06 20.59 9.38
N GLU A 283 9.68 21.76 9.21
CA GLU A 283 9.88 22.38 7.90
C GLU A 283 10.68 21.46 6.98
N GLU A 284 11.74 20.85 7.51
CA GLU A 284 12.60 19.96 6.75
C GLU A 284 11.85 18.68 6.33
N ARG A 285 11.08 18.12 7.26
CA ARG A 285 10.28 16.92 6.96
C ARG A 285 9.02 17.21 6.15
N TRP A 286 8.64 18.48 6.10
CA TRP A 286 7.54 18.97 5.28
C TRP A 286 7.95 18.96 3.84
N LYS A 287 9.20 19.37 3.61
CA LYS A 287 9.75 19.47 2.25
C LYS A 287 9.91 18.12 1.57
N LEU A 288 10.45 17.13 2.30
CA LEU A 288 10.83 15.87 1.66
C LEU A 288 9.68 14.90 1.35
N GLY A 289 8.87 14.51 2.35
CA GLY A 289 7.79 13.55 2.11
C GLY A 289 6.67 13.41 3.13
N GLY A 290 5.50 12.96 2.67
CA GLY A 290 4.32 12.80 3.52
C GLY A 290 4.42 11.68 4.53
N VAL A 291 4.85 10.51 4.07
CA VAL A 291 5.09 9.36 4.93
C VAL A 291 6.10 9.71 6.02
N LEU A 292 7.11 10.50 5.64
CA LEU A 292 8.26 10.76 6.51
C LEU A 292 8.03 11.93 7.45
N PHE A 293 7.15 12.85 7.05
CA PHE A 293 6.73 13.92 7.95
C PHE A 293 6.06 13.33 9.19
N SER A 294 5.31 12.24 9.00
CA SER A 294 4.67 11.53 10.11
C SER A 294 5.71 11.05 11.10
N LYS A 295 6.96 10.97 10.65
CA LYS A 295 8.03 10.43 11.45
C LYS A 295 9.21 11.41 11.58
N ALA A 296 8.89 12.70 11.69
CA ALA A 296 9.91 13.71 11.95
C ALA A 296 10.55 13.46 13.31
N PHE A 297 9.70 13.15 14.28
CA PHE A 297 10.14 12.90 15.65
C PHE A 297 9.88 11.45 16.08
N PRO A 298 10.72 10.91 16.98
CA PRO A 298 10.64 9.49 17.33
C PRO A 298 9.37 9.13 18.10
N ASP A 299 8.77 10.11 18.76
CA ASP A 299 7.55 9.87 19.54
C ASP A 299 6.29 10.37 18.84
N GLN A 300 6.48 10.95 17.65
CA GLN A 300 5.40 11.55 16.88
C GLN A 300 4.15 10.67 16.75
N LEU A 301 4.35 9.37 16.57
CA LEU A 301 3.22 8.45 16.42
C LEU A 301 3.04 7.57 17.64
N THR A 302 3.53 8.04 18.78
CA THR A 302 3.41 7.30 20.05
C THR A 302 2.80 8.16 21.15
N ASP A 303 3.20 9.44 21.19
CA ASP A 303 2.77 10.36 22.23
C ASP A 303 1.76 11.37 21.68
N PRO A 304 0.52 11.34 22.20
CA PRO A 304 -0.56 12.15 21.63
C PRO A 304 -0.23 13.63 21.64
N ALA A 305 0.44 14.09 22.71
CA ALA A 305 0.86 15.47 22.85
C ALA A 305 1.94 15.83 21.82
N ALA A 306 2.85 14.88 21.57
CA ALA A 306 3.90 15.06 20.57
C ALA A 306 3.31 15.13 19.16
N ASN A 307 2.23 14.38 18.96
CA ASN A 307 1.50 14.38 17.70
C ASN A 307 0.77 15.70 17.47
N ASP A 308 0.21 16.25 18.56
CA ASP A 308 -0.47 17.53 18.53
C ASP A 308 0.40 18.62 17.90
N THR A 309 1.70 18.55 18.16
CA THR A 309 2.67 19.52 17.64
C THR A 309 2.73 19.45 16.11
N ALA A 310 2.83 18.24 15.59
CA ALA A 310 2.83 18.01 14.14
C ALA A 310 1.49 18.41 13.56
N ARG A 311 0.42 17.95 14.22
CA ARG A 311 -0.95 18.30 13.87
C ARG A 311 -1.15 19.82 13.79
N ALA A 312 -0.58 20.55 14.75
CA ALA A 312 -0.66 22.01 14.77
C ALA A 312 0.23 22.66 13.69
N PHE A 313 1.40 22.06 13.46
CA PHE A 313 2.30 22.52 12.42
C PHE A 313 1.66 22.37 11.06
N TRP A 314 0.97 21.24 10.88
CA TRP A 314 0.27 20.95 9.65
C TRP A 314 -0.84 21.93 9.46
N GLU A 315 -1.63 22.10 10.53
CA GLU A 315 -2.81 22.96 10.48
C GLU A 315 -2.42 24.33 9.96
N GLU A 316 -1.46 24.95 10.63
CA GLU A 316 -0.98 26.28 10.31
C GLU A 316 -0.56 26.39 8.85
N LYS A 317 0.26 25.43 8.40
CA LYS A 317 0.69 25.38 6.99
C LYS A 317 -0.47 25.48 6.01
N ILE A 318 -1.53 24.69 6.25
CA ILE A 318 -2.72 24.69 5.41
C ILE A 318 -3.54 25.97 5.54
N ARG A 319 -3.59 26.52 6.76
CA ARG A 319 -4.24 27.81 7.02
C ARG A 319 -3.56 28.91 6.22
N ALA A 320 -2.24 28.76 6.03
CA ALA A 320 -1.45 29.74 5.30
C ALA A 320 -1.73 29.64 3.80
N VAL A 321 -1.72 28.41 3.29
CA VAL A 321 -1.80 28.16 1.87
C VAL A 321 -3.25 28.28 1.34
N VAL A 322 -4.23 27.97 2.18
CA VAL A 322 -5.64 28.11 1.82
C VAL A 322 -6.14 29.49 2.21
N ASP A 323 -6.67 30.22 1.24
CA ASP A 323 -7.14 31.60 1.45
C ASP A 323 -8.34 31.70 2.38
N ASP A 324 -9.43 31.02 2.04
CA ASP A 324 -10.65 31.06 2.81
C ASP A 324 -10.50 30.19 4.08
N PRO A 325 -10.47 30.83 5.26
CA PRO A 325 -10.23 30.10 6.50
C PRO A 325 -11.34 29.10 6.83
N ALA A 326 -12.55 29.33 6.32
CA ALA A 326 -13.66 28.40 6.53
C ALA A 326 -13.41 27.10 5.76
N VAL A 327 -12.82 27.23 4.57
CA VAL A 327 -12.40 26.09 3.78
C VAL A 327 -11.17 25.42 4.42
N ALA A 328 -10.21 26.23 4.85
CA ALA A 328 -9.02 25.74 5.55
C ALA A 328 -9.36 24.86 6.76
N GLU A 329 -10.27 25.34 7.59
CA GLU A 329 -10.78 24.60 8.75
C GLU A 329 -11.52 23.32 8.30
N LEU A 330 -12.28 23.42 7.22
CA LEU A 330 -13.01 22.30 6.66
C LEU A 330 -12.05 21.23 6.17
N LEU A 331 -10.97 21.70 5.54
CA LEU A 331 -9.84 20.90 5.11
C LEU A 331 -9.06 20.26 6.26
N THR A 332 -9.18 20.83 7.46
CA THR A 332 -8.46 20.33 8.62
C THR A 332 -9.16 19.11 9.21
N PRO A 333 -8.45 17.98 9.31
CA PRO A 333 -8.97 16.75 9.91
C PRO A 333 -9.32 17.00 11.36
N LYS A 334 -10.48 16.51 11.78
CA LYS A 334 -11.10 16.97 13.02
C LYS A 334 -10.39 16.57 14.31
N ASP A 335 -10.31 15.28 14.62
CA ASP A 335 -9.67 14.88 15.87
C ASP A 335 -8.51 13.91 15.65
N HIS A 336 -8.48 13.29 14.48
CA HIS A 336 -7.54 12.21 14.19
C HIS A 336 -6.10 12.61 14.29
N ALA A 337 -5.30 11.71 14.87
CA ALA A 337 -3.87 11.90 15.04
C ALA A 337 -3.20 11.93 13.67
N ILE A 338 -2.25 12.84 13.48
CA ILE A 338 -1.60 12.98 12.20
C ILE A 338 -0.57 11.88 11.98
N GLY A 339 -0.81 11.05 10.97
CA GLY A 339 0.03 9.89 10.70
C GLY A 339 -0.67 8.62 11.15
N ALA A 340 -1.80 8.77 11.85
CA ALA A 340 -2.61 7.63 12.23
C ALA A 340 -3.13 6.98 10.96
N LYS A 341 -3.86 7.74 10.16
CA LYS A 341 -4.17 7.33 8.81
C LYS A 341 -2.93 7.74 8.01
N ARG A 342 -2.43 6.86 7.15
CA ARG A 342 -1.23 7.17 6.36
C ARG A 342 -1.37 8.56 5.74
N ILE A 343 -0.40 9.42 5.98
CA ILE A 343 -0.47 10.78 5.43
C ILE A 343 -0.37 10.68 3.92
N VAL A 344 -1.35 11.28 3.26
CA VAL A 344 -1.33 11.40 1.81
C VAL A 344 -0.29 12.44 1.41
N THR A 345 0.31 12.23 0.25
CA THR A 345 1.25 13.13 -0.34
C THR A 345 0.57 13.76 -1.55
N ASP A 346 0.53 15.09 -1.60
CA ASP A 346 -0.19 15.76 -2.68
C ASP A 346 0.68 16.68 -3.53
N SER A 347 0.15 17.04 -4.70
CA SER A 347 0.78 18.04 -5.54
C SER A 347 -0.20 19.17 -5.80
N GLY A 348 -0.08 20.23 -5.00
CA GLY A 348 -0.88 21.43 -5.17
C GLY A 348 -2.34 21.24 -4.78
N TYR A 349 -2.57 20.38 -3.80
CA TYR A 349 -3.93 20.00 -3.44
C TYR A 349 -4.68 21.08 -2.65
N TYR A 350 -4.02 21.66 -1.65
CA TYR A 350 -4.68 22.66 -0.82
C TYR A 350 -4.79 23.99 -1.55
N GLU A 351 -3.81 24.25 -2.41
CA GLU A 351 -3.85 25.35 -3.35
C GLU A 351 -5.06 25.24 -4.26
N THR A 352 -5.40 24.01 -4.62
CA THR A 352 -6.55 23.75 -5.47
C THR A 352 -7.81 24.44 -4.96
N TYR A 353 -7.93 24.57 -3.64
CA TYR A 353 -9.09 25.22 -3.05
C TYR A 353 -9.07 26.75 -3.09
N ASN A 354 -7.93 27.32 -3.46
CA ASN A 354 -7.82 28.76 -3.72
C ASN A 354 -8.49 29.15 -5.03
N ARG A 355 -8.62 28.17 -5.93
CA ARG A 355 -9.25 28.38 -7.23
C ARG A 355 -10.70 28.77 -7.12
N ASP A 356 -11.16 29.56 -8.09
CA ASP A 356 -12.54 30.04 -8.12
C ASP A 356 -13.50 28.95 -8.57
N ASN A 357 -12.96 27.98 -9.29
CA ASN A 357 -13.77 26.91 -9.85
C ASN A 357 -13.76 25.67 -8.98
N VAL A 358 -13.30 25.78 -7.74
CA VAL A 358 -13.47 24.65 -6.84
C VAL A 358 -14.17 24.96 -5.53
N GLU A 359 -15.20 24.18 -5.26
CA GLU A 359 -15.93 24.31 -4.02
C GLU A 359 -15.80 23.02 -3.23
N LEU A 360 -15.49 23.19 -1.95
CA LEU A 360 -15.47 22.08 -1.02
C LEU A 360 -16.83 22.00 -0.35
N VAL A 361 -17.51 20.89 -0.58
CA VAL A 361 -18.84 20.65 0.00
C VAL A 361 -18.68 19.79 1.26
N ASP A 362 -19.10 20.36 2.41
CA ASP A 362 -18.92 19.70 3.68
C ASP A 362 -20.03 18.69 3.84
N LEU A 363 -19.69 17.42 3.69
CA LEU A 363 -20.69 16.38 3.76
C LEU A 363 -21.24 16.19 5.16
N ARG A 364 -20.56 16.76 6.14
CA ARG A 364 -21.05 16.79 7.53
C ARG A 364 -22.22 17.75 7.69
N SER A 365 -22.18 18.86 6.96
CA SER A 365 -23.29 19.80 6.92
C SER A 365 -24.38 19.24 6.03
N THR A 366 -24.03 19.02 4.76
CA THR A 366 -24.99 18.57 3.77
C THR A 366 -24.53 17.24 3.18
N PRO A 367 -24.98 16.12 3.78
CA PRO A 367 -24.60 14.81 3.28
C PRO A 367 -25.19 14.59 1.91
N ILE A 368 -24.53 13.75 1.13
CA ILE A 368 -25.12 13.27 -0.10
C ILE A 368 -26.28 12.34 0.27
N VAL A 369 -27.48 12.65 -0.22
CA VAL A 369 -28.60 11.75 -0.03
C VAL A 369 -28.83 10.92 -1.29
N GLY A 370 -28.14 11.28 -2.37
CA GLY A 370 -28.28 10.56 -3.62
C GLY A 370 -27.93 11.36 -4.86
N MET A 371 -28.07 10.70 -5.99
CA MET A 371 -27.91 11.35 -7.28
C MET A 371 -29.26 11.37 -7.97
N ASP A 372 -29.48 12.36 -8.81
CA ASP A 372 -30.56 12.29 -9.77
C ASP A 372 -29.92 12.45 -11.16
N GLU A 373 -30.76 12.65 -12.19
CA GLU A 373 -30.30 12.74 -13.57
C GLU A 373 -29.19 13.76 -13.79
N THR A 374 -29.21 14.83 -13.00
CA THR A 374 -28.40 16.02 -13.27
C THR A 374 -27.26 16.21 -12.29
N GLY A 375 -27.22 15.44 -11.23
CA GLY A 375 -26.11 15.56 -10.32
C GLY A 375 -26.30 14.97 -8.96
N ILE A 376 -25.70 15.62 -7.97
CA ILE A 376 -25.69 15.13 -6.61
C ILE A 376 -26.65 15.95 -5.79
N VAL A 377 -27.55 15.26 -5.09
CA VAL A 377 -28.45 15.94 -4.21
C VAL A 377 -27.93 15.74 -2.80
N THR A 378 -27.55 16.85 -2.17
CA THR A 378 -27.22 16.83 -0.75
C THR A 378 -28.46 17.18 0.05
N THR A 379 -28.28 17.24 1.36
CA THR A 379 -29.30 17.71 2.28
C THR A 379 -29.74 19.13 1.93
N GLY A 380 -28.78 19.92 1.43
CA GLY A 380 -28.96 21.36 1.31
C GLY A 380 -29.15 21.83 -0.10
N ALA A 381 -28.37 21.29 -1.02
CA ALA A 381 -28.36 21.75 -2.39
C ALA A 381 -28.42 20.59 -3.36
N HIS A 382 -28.82 20.89 -4.58
CA HIS A 382 -28.57 20.02 -5.70
C HIS A 382 -27.34 20.53 -6.40
N TYR A 383 -26.59 19.62 -6.99
CA TYR A 383 -25.35 19.96 -7.68
C TYR A 383 -25.42 19.45 -9.10
N ASP A 384 -25.68 20.36 -10.04
CA ASP A 384 -25.60 20.08 -11.45
C ASP A 384 -24.19 19.63 -11.74
N LEU A 385 -24.03 18.40 -12.21
CA LEU A 385 -22.73 17.89 -12.55
C LEU A 385 -22.81 17.13 -13.85
N ASP A 386 -21.74 17.24 -14.65
CA ASP A 386 -21.61 16.42 -15.84
C ASP A 386 -20.87 15.15 -15.49
N MET A 387 -20.11 15.20 -14.40
CA MET A 387 -19.26 14.08 -14.07
C MET A 387 -19.13 13.92 -12.59
N ILE A 388 -19.23 12.68 -12.14
CA ILE A 388 -18.96 12.36 -10.76
C ILE A 388 -17.78 11.40 -10.68
N VAL A 389 -16.78 11.82 -9.91
CA VAL A 389 -15.58 11.04 -9.72
C VAL A 389 -15.69 10.44 -8.35
N LEU A 390 -15.85 9.12 -8.32
CA LEU A 390 -15.84 8.40 -7.07
C LEU A 390 -14.41 8.11 -6.76
N ALA A 391 -13.82 8.95 -5.91
CA ALA A 391 -12.45 8.76 -5.48
C ALA A 391 -12.45 7.78 -4.30
N THR A 392 -12.27 6.51 -4.61
CA THR A 392 -12.39 5.45 -3.59
C THR A 392 -11.13 5.22 -2.79
N GLY A 393 -11.32 4.75 -1.56
CA GLY A 393 -10.20 4.44 -0.69
C GLY A 393 -9.79 3.00 -0.81
N PHE A 394 -9.07 2.51 0.18
CA PHE A 394 -8.57 1.15 0.10
C PHE A 394 -9.10 0.20 1.16
N ASP A 395 -9.33 -1.03 0.72
CA ASP A 395 -9.81 -2.12 1.53
C ASP A 395 -8.75 -2.43 2.58
N ALA A 396 -9.21 -2.96 3.71
CA ALA A 396 -8.34 -3.49 4.78
C ALA A 396 -7.15 -4.29 4.20
N MET A 397 -6.03 -4.34 4.93
CA MET A 397 -4.86 -5.12 4.51
C MET A 397 -5.23 -6.54 4.10
N THR A 398 -6.32 -7.04 4.65
CA THR A 398 -6.74 -8.41 4.45
C THR A 398 -7.76 -8.52 3.33
N GLY A 399 -8.10 -7.38 2.73
CA GLY A 399 -9.11 -7.30 1.67
C GLY A 399 -8.94 -8.32 0.57
N SER A 400 -7.79 -8.32 -0.09
CA SER A 400 -7.58 -9.21 -1.22
C SER A 400 -7.56 -10.64 -0.73
N LEU A 401 -6.91 -10.84 0.41
CA LEU A 401 -6.80 -12.16 1.01
C LEU A 401 -8.16 -12.71 1.37
N ASP A 402 -9.01 -11.88 1.98
CA ASP A 402 -10.36 -12.28 2.35
C ASP A 402 -11.22 -12.70 1.16
N LYS A 403 -10.88 -12.20 -0.02
CA LYS A 403 -11.61 -12.59 -1.23
C LYS A 403 -11.21 -13.99 -1.68
N LEU A 404 -10.13 -14.51 -1.10
CA LEU A 404 -9.67 -15.87 -1.39
C LEU A 404 -10.19 -16.87 -0.38
N GLU A 405 -10.60 -18.03 -0.88
CA GLU A 405 -10.91 -19.13 0.01
C GLU A 405 -9.63 -19.98 0.11
N ILE A 406 -8.96 -19.87 1.25
CA ILE A 406 -7.74 -20.60 1.45
C ILE A 406 -7.99 -21.60 2.51
N VAL A 407 -8.08 -22.87 2.11
CA VAL A 407 -8.48 -23.92 3.00
C VAL A 407 -7.23 -24.66 3.48
N GLY A 408 -6.92 -24.51 4.77
CA GLY A 408 -5.72 -25.11 5.34
C GLY A 408 -6.01 -26.44 5.97
N ARG A 409 -5.28 -26.74 7.05
CA ARG A 409 -5.47 -27.96 7.82
C ARG A 409 -6.88 -28.04 8.41
N GLY A 410 -7.34 -29.28 8.61
CA GLY A 410 -8.71 -29.55 9.06
C GLY A 410 -9.79 -28.95 8.18
N GLY A 411 -9.40 -28.47 7.01
CA GLY A 411 -10.31 -27.75 6.12
C GLY A 411 -10.79 -26.45 6.75
N ARG A 412 -10.02 -25.96 7.71
CA ARG A 412 -10.28 -24.69 8.33
C ARG A 412 -9.73 -23.62 7.41
N THR A 413 -10.59 -22.63 7.16
CA THR A 413 -10.33 -21.56 6.20
C THR A 413 -9.42 -20.49 6.78
N LEU A 414 -8.64 -19.79 5.96
CA LEU A 414 -7.81 -18.71 6.48
C LEU A 414 -8.66 -17.61 7.11
N LYS A 415 -9.71 -17.21 6.40
CA LYS A 415 -10.72 -16.28 6.92
C LYS A 415 -11.24 -16.67 8.32
N GLU A 416 -11.49 -17.96 8.54
CA GLU A 416 -11.89 -18.49 9.85
C GLU A 416 -10.82 -18.39 10.92
N THR A 417 -9.58 -18.74 10.56
CA THR A 417 -8.53 -18.69 11.58
C THR A 417 -8.15 -17.24 11.88
N TRP A 418 -8.58 -16.34 11.00
CA TRP A 418 -8.38 -14.91 11.18
C TRP A 418 -9.60 -14.18 11.65
N ALA A 419 -10.64 -14.93 12.02
CA ALA A 419 -11.87 -14.37 12.57
C ALA A 419 -11.61 -13.34 13.67
N ALA A 420 -10.77 -13.72 14.64
CA ALA A 420 -10.46 -12.88 15.78
C ALA A 420 -9.25 -11.96 15.53
N GLY A 421 -8.99 -11.66 14.26
CA GLY A 421 -7.82 -10.88 13.91
C GLY A 421 -6.77 -11.72 13.20
N PRO A 422 -6.05 -11.12 12.26
CA PRO A 422 -5.03 -11.94 11.62
C PRO A 422 -4.05 -12.46 12.66
N ARG A 423 -3.68 -13.73 12.53
CA ARG A 423 -2.67 -14.31 13.37
C ARG A 423 -1.65 -14.98 12.48
N THR A 424 -0.38 -14.65 12.73
CA THR A 424 0.70 -15.16 11.93
C THR A 424 1.93 -15.22 12.82
N TYR A 425 2.92 -15.98 12.36
CA TYR A 425 4.24 -15.86 12.88
C TYR A 425 5.04 -15.09 11.85
N LEU A 426 5.46 -13.87 12.21
CA LEU A 426 6.27 -13.00 11.35
C LEU A 426 5.51 -12.52 10.13
N GLY A 427 4.22 -12.81 10.09
CA GLY A 427 3.43 -12.57 8.89
C GLY A 427 3.60 -13.69 7.89
N LEU A 428 4.58 -14.56 8.12
CA LEU A 428 4.96 -15.53 7.10
C LEU A 428 4.51 -16.94 7.41
N GLY A 429 4.12 -17.18 8.65
CA GLY A 429 3.69 -18.51 9.05
C GLY A 429 2.34 -18.45 9.75
N ILE A 430 1.49 -19.40 9.45
CA ILE A 430 0.19 -19.52 10.10
C ILE A 430 0.00 -21.01 10.33
N ASP A 431 -0.22 -21.41 11.59
CA ASP A 431 -0.50 -22.81 11.87
C ASP A 431 -1.72 -23.18 11.08
N GLY A 432 -1.70 -24.36 10.49
CA GLY A 432 -2.80 -24.85 9.69
C GLY A 432 -2.59 -24.48 8.24
N PHE A 433 -1.56 -23.68 7.97
CA PHE A 433 -1.32 -23.19 6.61
C PHE A 433 0.13 -23.38 6.20
N PRO A 434 0.59 -24.65 6.15
CA PRO A 434 1.97 -24.92 5.79
C PRO A 434 2.19 -24.51 4.35
N ASN A 435 3.43 -24.24 3.98
CA ASN A 435 3.76 -23.96 2.58
C ASN A 435 2.89 -22.85 2.00
N PHE A 436 2.37 -22.04 2.90
CA PHE A 436 1.56 -20.90 2.54
C PHE A 436 2.25 -19.66 3.04
N PHE A 437 2.41 -18.69 2.16
CA PHE A 437 3.07 -17.46 2.52
C PHE A 437 2.31 -16.25 2.03
N ASN A 438 1.79 -15.49 2.97
CA ASN A 438 1.17 -14.25 2.64
C ASN A 438 2.19 -13.15 2.73
N LEU A 439 2.45 -12.53 1.58
CA LEU A 439 3.50 -11.54 1.45
C LEU A 439 3.06 -10.17 1.95
N THR A 440 3.98 -9.51 2.67
CA THR A 440 3.83 -8.14 3.13
C THR A 440 2.44 -7.85 3.68
N GLY A 441 1.96 -8.75 4.53
CA GLY A 441 0.63 -8.66 5.09
C GLY A 441 0.63 -8.57 6.60
N PRO A 442 -0.49 -8.92 7.24
CA PRO A 442 -0.53 -8.88 8.70
C PRO A 442 0.63 -9.67 9.30
N GLY A 443 1.21 -9.11 10.36
CA GLY A 443 2.34 -9.75 11.04
C GLY A 443 3.70 -9.24 10.58
N SER A 444 3.72 -8.51 9.46
CA SER A 444 4.93 -7.92 8.92
C SER A 444 4.72 -6.42 8.89
N PRO A 445 5.78 -5.63 8.65
CA PRO A 445 5.63 -4.17 8.56
C PRO A 445 4.61 -3.73 7.53
N SER A 446 4.48 -4.51 6.47
CA SER A 446 3.50 -4.27 5.42
C SER A 446 3.56 -2.83 4.94
N VAL A 447 2.42 -2.14 4.91
CA VAL A 447 2.35 -0.79 4.35
C VAL A 447 3.17 0.22 5.12
N LEU A 448 3.46 -0.07 6.39
CA LEU A 448 4.34 0.77 7.21
C LEU A 448 5.81 0.80 6.71
N ALA A 449 6.12 0.00 5.70
CA ALA A 449 7.45 0.02 5.14
C ALA A 449 7.41 0.04 3.61
N ASN A 450 8.50 0.54 3.03
CA ASN A 450 8.73 0.52 1.60
C ASN A 450 8.33 -0.83 1.05
N MET A 451 7.30 -0.86 0.22
CA MET A 451 6.74 -2.15 -0.21
C MET A 451 7.60 -2.85 -1.25
N VAL A 452 8.45 -2.12 -1.95
CA VAL A 452 9.34 -2.79 -2.87
C VAL A 452 10.37 -3.60 -2.09
N LEU A 453 11.00 -2.94 -1.12
CA LEU A 453 12.04 -3.59 -0.31
C LEU A 453 11.44 -4.64 0.60
N HIS A 454 10.23 -4.38 1.06
CA HIS A 454 9.52 -5.33 1.87
C HIS A 454 9.15 -6.54 1.04
N SER A 455 8.77 -6.31 -0.22
CA SER A 455 8.48 -7.41 -1.12
C SER A 455 9.72 -8.21 -1.34
N GLU A 456 10.83 -7.51 -1.54
CA GLU A 456 12.10 -8.18 -1.75
C GLU A 456 12.46 -9.03 -0.55
N LEU A 457 12.40 -8.42 0.63
CA LEU A 457 12.65 -9.13 1.86
C LEU A 457 11.83 -10.40 1.95
N HIS A 458 10.51 -10.28 1.81
CA HIS A 458 9.61 -11.42 1.96
C HIS A 458 9.80 -12.49 0.93
N VAL A 459 9.86 -12.10 -0.33
CA VAL A 459 10.14 -13.06 -1.39
C VAL A 459 11.47 -13.76 -1.09
N ASP A 460 12.52 -12.99 -0.83
CA ASP A 460 13.83 -13.58 -0.49
C ASP A 460 13.71 -14.59 0.63
N TRP A 461 13.02 -14.19 1.69
CA TRP A 461 12.85 -15.03 2.85
C TRP A 461 12.12 -16.32 2.49
N VAL A 462 11.10 -16.22 1.65
CA VAL A 462 10.35 -17.42 1.22
C VAL A 462 11.22 -18.30 0.35
N ALA A 463 12.03 -17.65 -0.49
CA ALA A 463 12.95 -18.32 -1.41
C ALA A 463 13.95 -19.09 -0.60
N ASP A 464 14.49 -18.43 0.42
CA ASP A 464 15.42 -19.05 1.33
C ASP A 464 14.79 -20.20 2.07
N ALA A 465 13.57 -19.99 2.58
CA ALA A 465 12.84 -21.05 3.27
C ALA A 465 12.64 -22.25 2.36
N ILE A 466 12.22 -21.99 1.14
CA ILE A 466 12.09 -23.07 0.18
C ILE A 466 13.44 -23.77 -0.08
N ALA A 467 14.48 -22.99 -0.34
CA ALA A 467 15.84 -23.53 -0.47
C ALA A 467 16.18 -24.40 0.76
N TYR A 468 15.98 -23.83 1.94
CA TYR A 468 16.17 -24.55 3.18
C TYR A 468 15.47 -25.92 3.20
N LEU A 469 14.18 -25.94 2.87
CA LEU A 469 13.42 -27.20 2.85
C LEU A 469 13.91 -28.14 1.76
N ASP A 470 14.26 -27.57 0.60
CA ASP A 470 14.77 -28.37 -0.51
C ASP A 470 16.13 -28.99 -0.21
N ALA A 471 16.99 -28.23 0.45
CA ALA A 471 18.29 -28.76 0.86
C ALA A 471 18.13 -29.95 1.80
N ARG A 472 16.99 -30.08 2.45
CA ARG A 472 16.87 -31.10 3.48
C ARG A 472 15.80 -32.15 3.18
N GLY A 473 15.28 -32.12 1.96
CA GLY A 473 14.26 -33.07 1.51
C GLY A 473 12.96 -32.92 2.29
N ALA A 474 12.74 -31.71 2.80
CA ALA A 474 11.60 -31.41 3.61
C ALA A 474 10.46 -31.00 2.69
N ALA A 475 9.25 -31.44 3.04
CA ALA A 475 8.08 -31.20 2.22
C ALA A 475 7.46 -29.85 2.51
N GLY A 476 7.62 -29.36 3.73
CA GLY A 476 6.90 -28.18 4.12
C GLY A 476 7.43 -27.36 5.28
N ILE A 477 6.91 -26.14 5.37
CA ILE A 477 7.23 -25.29 6.49
C ILE A 477 5.89 -24.78 7.01
N GLU A 478 5.79 -24.65 8.33
CA GLU A 478 4.55 -24.24 8.92
C GLU A 478 4.74 -23.41 10.19
N GLY A 479 4.10 -22.25 10.19
CA GLY A 479 3.86 -21.51 11.41
C GLY A 479 3.46 -22.46 12.53
N THR A 480 4.19 -22.33 13.62
CA THR A 480 3.93 -23.05 14.85
C THR A 480 2.88 -22.25 15.64
N PRO A 481 1.88 -22.94 16.21
CA PRO A 481 0.84 -22.20 16.95
C PRO A 481 1.41 -21.37 18.12
N GLU A 482 2.49 -21.88 18.74
CA GLU A 482 3.16 -21.17 19.82
C GLU A 482 3.86 -19.91 19.29
N ALA A 483 4.51 -20.02 18.15
CA ALA A 483 5.20 -18.88 17.58
C ALA A 483 4.24 -17.80 17.15
N VAL A 484 3.12 -18.18 16.53
CA VAL A 484 2.14 -17.17 16.09
C VAL A 484 1.50 -16.48 17.29
N ALA A 485 1.09 -17.25 18.30
CA ALA A 485 0.61 -16.65 19.54
C ALA A 485 1.59 -15.62 20.07
N ASP A 486 2.86 -16.00 20.12
CA ASP A 486 3.94 -15.10 20.57
C ASP A 486 4.04 -13.86 19.67
N TRP A 487 3.87 -14.04 18.37
CA TRP A 487 3.98 -12.95 17.42
C TRP A 487 2.78 -12.04 17.46
N VAL A 488 1.59 -12.62 17.51
CA VAL A 488 0.38 -11.87 17.78
C VAL A 488 0.59 -10.95 18.98
N GLU A 489 1.08 -11.49 20.09
CA GLU A 489 1.40 -10.72 21.29
C GLU A 489 2.44 -9.63 21.06
N GLU A 490 3.56 -10.00 20.44
CA GLU A 490 4.62 -9.06 20.12
C GLU A 490 4.09 -7.93 19.23
N CYS A 491 3.22 -8.28 18.27
CA CYS A 491 2.61 -7.26 17.40
C CYS A 491 1.67 -6.37 18.18
N ARG A 492 0.91 -6.98 19.09
CA ARG A 492 0.01 -6.25 19.99
C ARG A 492 0.78 -5.23 20.80
N ASN A 493 1.96 -5.62 21.29
CA ASN A 493 2.74 -4.79 22.22
C ASN A 493 3.56 -3.70 21.55
N ARG A 494 4.05 -3.97 20.33
CA ARG A 494 4.72 -2.95 19.55
C ARG A 494 3.70 -1.87 19.15
N ALA A 495 2.42 -2.21 19.27
CA ALA A 495 1.34 -1.39 18.74
C ALA A 495 0.51 -0.67 19.79
N GLU A 496 0.36 -1.28 20.97
CA GLU A 496 -0.40 -0.66 22.06
C GLU A 496 0.09 0.76 22.33
N ALA A 497 1.38 0.99 22.09
CA ALA A 497 2.02 2.29 22.28
C ALA A 497 1.63 3.31 21.20
N SER A 498 1.31 2.83 20.00
CA SER A 498 1.21 3.68 18.82
C SER A 498 -0.11 4.42 18.66
N LEU A 499 -0.04 5.57 18.00
CA LEU A 499 -1.22 6.35 17.66
C LEU A 499 -1.85 5.84 16.38
N LEU A 500 -1.12 4.97 15.68
CA LEU A 500 -1.66 4.17 14.59
C LEU A 500 -2.64 3.14 15.16
N ASN A 501 -2.55 2.89 16.46
CA ASN A 501 -3.44 1.96 17.13
C ASN A 501 -4.59 2.72 17.77
N SER A 502 -5.24 3.53 16.94
CA SER A 502 -6.40 4.30 17.33
C SER A 502 -7.63 3.57 16.79
N ALA A 503 -8.79 3.78 17.42
CA ALA A 503 -10.04 3.15 16.98
C ALA A 503 -10.38 3.41 15.50
N ASN A 504 -10.07 4.61 15.03
CA ASN A 504 -10.34 5.00 13.65
C ASN A 504 -9.37 4.39 12.61
N SER A 505 -8.41 3.60 13.08
CA SER A 505 -7.25 3.23 12.25
C SER A 505 -7.47 2.07 11.29
N TRP A 506 -7.06 2.31 10.05
CA TRP A 506 -7.15 1.31 8.98
C TRP A 506 -6.29 0.09 9.25
N TYR A 507 -5.29 0.26 10.11
CA TYR A 507 -4.35 -0.82 10.42
C TYR A 507 -4.95 -1.90 11.29
N LEU A 508 -6.25 -1.80 11.58
CA LEU A 508 -6.94 -2.73 12.47
C LEU A 508 -7.79 -3.79 11.77
N GLY A 509 -7.86 -4.97 12.39
CA GLY A 509 -8.66 -6.10 11.90
C GLY A 509 -9.05 -7.07 13.02
N VAL A 518 -7.39 -6.16 16.28
CA VAL A 518 -5.95 -6.40 16.18
C VAL A 518 -5.29 -5.43 15.20
N PHE A 519 -4.21 -4.79 15.65
CA PHE A 519 -3.38 -3.95 14.81
C PHE A 519 -2.52 -4.88 13.98
N MET A 520 -2.67 -4.81 12.67
CA MET A 520 -2.15 -5.86 11.81
C MET A 520 -0.67 -5.79 11.47
N PRO A 521 -0.15 -4.60 11.07
CA PRO A 521 1.25 -4.61 10.68
C PRO A 521 2.17 -4.76 11.89
N PHE A 522 3.40 -5.21 11.66
CA PHE A 522 4.43 -5.22 12.69
C PHE A 522 4.98 -3.81 12.77
N LEU A 523 4.99 -3.26 13.97
CA LEU A 523 5.32 -1.86 14.18
C LEU A 523 6.73 -1.63 14.72
N GLY A 524 7.54 -2.68 14.80
CA GLY A 524 8.88 -2.58 15.39
C GLY A 524 9.90 -1.88 14.51
N GLY A 525 9.57 -1.75 13.23
CA GLY A 525 10.50 -1.21 12.25
C GLY A 525 10.90 -2.26 11.23
N PHE A 526 11.11 -1.83 9.99
CA PHE A 526 11.46 -2.73 8.90
C PHE A 526 12.79 -3.46 9.11
N GLY A 527 13.82 -2.72 9.57
CA GLY A 527 15.13 -3.30 9.82
C GLY A 527 15.10 -4.28 10.98
N VAL A 528 14.42 -3.87 12.06
CA VAL A 528 14.24 -4.72 13.23
C VAL A 528 13.58 -6.01 12.79
N TYR A 529 12.51 -5.86 12.01
CA TYR A 529 11.78 -6.97 11.45
C TYR A 529 12.61 -7.83 10.51
N ARG A 530 13.39 -7.18 9.65
CA ARG A 530 14.32 -7.86 8.75
C ARG A 530 15.27 -8.72 9.56
N GLU A 531 15.83 -8.14 10.63
CA GLU A 531 16.76 -8.85 11.50
C GLU A 531 16.06 -10.04 12.15
N ILE A 532 14.84 -9.80 12.63
CA ILE A 532 14.05 -10.86 13.27
C ILE A 532 13.82 -12.05 12.35
N ILE A 533 13.41 -11.80 11.12
CA ILE A 533 13.03 -12.91 10.23
C ILE A 533 14.24 -13.59 9.60
N THR A 534 15.31 -12.80 9.39
CA THR A 534 16.59 -13.33 8.98
C THR A 534 17.12 -14.24 10.08
N GLU A 535 17.04 -13.80 11.33
CA GLU A 535 17.59 -14.58 12.43
C GLU A 535 16.79 -15.85 12.69
N VAL A 536 15.49 -15.79 12.39
CA VAL A 536 14.63 -16.97 12.44
C VAL A 536 15.09 -17.95 11.36
N ALA A 537 15.24 -17.46 10.13
CA ALA A 537 15.76 -18.27 9.03
C ALA A 537 17.12 -18.86 9.38
N GLU A 538 17.99 -18.03 9.96
CA GLU A 538 19.36 -18.43 10.23
C GLU A 538 19.42 -19.47 11.34
N SER A 539 18.38 -19.48 12.18
CA SER A 539 18.30 -20.43 13.30
C SER A 539 17.67 -21.75 12.89
N GLY A 540 17.44 -21.94 11.60
CA GLY A 540 16.76 -23.14 11.14
C GLY A 540 15.26 -23.03 11.38
N TYR A 541 14.76 -21.80 11.24
CA TYR A 541 13.31 -21.53 11.22
C TYR A 541 12.61 -21.84 12.54
N LYS A 542 13.26 -21.46 13.64
CA LYS A 542 12.64 -21.52 14.97
C LYS A 542 11.27 -20.86 14.89
N GLY A 543 10.28 -21.53 15.47
CA GLY A 543 8.90 -21.05 15.42
C GLY A 543 8.16 -21.56 14.21
N PHE A 544 8.85 -22.29 13.35
CA PHE A 544 8.20 -22.99 12.25
C PHE A 544 8.43 -24.46 12.44
N ALA A 545 7.43 -25.27 12.09
CA ALA A 545 7.66 -26.70 11.98
C ALA A 545 8.18 -26.96 10.58
N ILE A 546 9.26 -27.72 10.50
CA ILE A 546 9.78 -28.22 9.24
C ILE A 546 9.12 -29.56 9.02
N LEU A 547 8.39 -29.67 7.92
CA LEU A 547 7.53 -30.82 7.71
C LEU A 547 8.11 -31.77 6.68
N GLU A 548 7.97 -33.07 6.95
CA GLU A 548 8.52 -34.12 6.07
C GLU A 548 7.46 -34.74 5.18
N GLY A 549 7.90 -35.20 4.00
CA GLY A 549 7.08 -35.88 2.98
C GLY A 549 5.64 -36.30 3.32
#